data_1TJ5
#
_entry.id   1TJ5
#
_cell.length_a   68.75
_cell.length_b   68.75
_cell.length_c   268.38
_cell.angle_alpha   90
_cell.angle_beta   90
_cell.angle_gamma   120
#
_symmetry.space_group_name_H-M   'P 65 2 2'
#
loop_
_entity.id
_entity.type
_entity.pdbx_description
1 polymer Sucrose-Phosphatase
2 branched beta-D-fructofuranose-(2-1)-alpha-D-glucopyranose
3 non-polymer 'PHOSPHATE ION'
4 non-polymer 'MAGNESIUM ION'
5 water water
#
_entity_poly.entity_id   1
_entity_poly.type   'polypeptide(L)'
_entity_poly.pdbx_seq_one_letter_code
;MRQLLLISDLDNTWVGDQQALEHLQEYLGDRRGNFYLAYATGRSYHSARELQKQVGLMEPDYWLTAVGSEIYHPEGLDQH
WADYLSEHWQRDILQAIADGFEALKPQSPLEQNPWKISYHLDPQACPTVIDQLTEMLKETGIPVQVIFSSGKDVDLLPQR
SNKGNATQYLQQHLAMEPSQTLVCGDSGNDIGLFETSARGVIVRNAQPELLHWYDQWGDSRHYRAQSSHAGAILEAIAHF
DFLS
;
_entity_poly.pdbx_strand_id   A
#
loop_
_chem_comp.id
_chem_comp.type
_chem_comp.name
_chem_comp.formula
FRU D-saccharide, beta linking beta-D-fructofuranose 'C6 H12 O6'
GLC D-saccharide, alpha linking alpha-D-glucopyranose 'C6 H12 O6'
MG non-polymer 'MAGNESIUM ION' 'Mg 2'
PO4 non-polymer 'PHOSPHATE ION' 'O4 P -3'
#
# COMPACT_ATOMS: atom_id res chain seq x y z
N MET A 1 10.83 19.19 4.31
CA MET A 1 10.79 20.49 5.03
C MET A 1 9.47 20.68 5.76
N ARG A 2 8.58 19.71 5.66
CA ARG A 2 7.31 19.79 6.35
C ARG A 2 7.37 18.92 7.60
N GLN A 3 6.40 19.07 8.49
CA GLN A 3 6.43 18.29 9.72
C GLN A 3 5.84 16.90 9.66
N LEU A 4 5.11 16.59 8.60
CA LEU A 4 4.52 15.27 8.49
C LEU A 4 4.46 14.75 7.06
N LEU A 5 4.73 13.45 6.91
CA LEU A 5 4.65 12.76 5.62
C LEU A 5 3.53 11.77 5.90
N LEU A 6 2.37 12.03 5.33
CA LEU A 6 1.19 11.19 5.53
C LEU A 6 1.00 10.25 4.34
N ILE A 7 1.05 8.96 4.62
CA ILE A 7 0.92 7.92 3.60
C ILE A 7 -0.25 7.01 3.95
N SER A 8 -1.22 6.92 3.06
CA SER A 8 -2.39 6.11 3.36
C SER A 8 -2.95 5.34 2.18
N ASP A 9 -3.52 4.18 2.49
CA ASP A 9 -4.15 3.38 1.48
C ASP A 9 -5.47 4.09 1.24
N LEU A 10 -6.14 3.79 0.13
CA LEU A 10 -7.42 4.43 -0.16
C LEU A 10 -8.61 3.59 0.25
N ASP A 11 -8.92 2.55 -0.53
CA ASP A 11 -10.06 1.68 -0.23
C ASP A 11 -10.04 1.11 1.18
N ASN A 12 -11.14 1.26 1.91
CA ASN A 12 -11.30 0.74 3.26
C ASN A 12 -10.44 1.42 4.32
N THR A 13 -9.66 2.42 3.90
CA THR A 13 -8.81 3.15 4.84
C THR A 13 -9.22 4.61 4.78
N TRP A 14 -8.75 5.32 3.77
CA TRP A 14 -9.08 6.74 3.61
C TRP A 14 -10.52 6.83 3.10
N VAL A 15 -10.92 5.84 2.31
CA VAL A 15 -12.26 5.79 1.71
C VAL A 15 -13.10 4.68 2.34
N GLY A 16 -14.42 4.90 2.40
CA GLY A 16 -15.30 3.90 2.98
C GLY A 16 -16.33 4.48 3.93
N ASP A 17 -15.97 5.59 4.57
CA ASP A 17 -16.86 6.28 5.50
C ASP A 17 -16.86 7.73 5.02
N GLN A 18 -17.78 8.06 4.11
CA GLN A 18 -17.82 9.41 3.55
C GLN A 18 -17.74 10.54 4.59
N GLN A 19 -18.50 10.43 5.67
CA GLN A 19 -18.46 11.49 6.68
C GLN A 19 -17.07 11.64 7.30
N ALA A 20 -16.41 10.52 7.61
CA ALA A 20 -15.08 10.58 8.21
C ALA A 20 -14.08 11.11 7.20
N LEU A 21 -14.24 10.70 5.94
CA LEU A 21 -13.35 11.16 4.89
C LEU A 21 -13.44 12.68 4.86
N GLU A 22 -14.67 13.19 4.86
CA GLU A 22 -14.88 14.63 4.81
C GLU A 22 -14.32 15.41 5.98
N HIS A 23 -14.50 14.96 7.21
CA HIS A 23 -13.94 15.73 8.30
C HIS A 23 -12.43 15.56 8.40
N LEU A 24 -11.90 14.47 7.83
CA LEU A 24 -10.45 14.27 7.84
C LEU A 24 -9.86 15.28 6.87
N GLN A 25 -10.48 15.40 5.70
CA GLN A 25 -10.00 16.33 4.69
C GLN A 25 -10.26 17.79 5.09
N GLU A 26 -11.31 18.01 5.85
CA GLU A 26 -11.62 19.37 6.31
C GLU A 26 -10.49 19.79 7.25
N TYR A 27 -10.16 18.92 8.19
CA TYR A 27 -9.08 19.20 9.15
C TYR A 27 -7.74 19.41 8.43
N LEU A 28 -7.36 18.46 7.59
CA LEU A 28 -6.09 18.56 6.86
C LEU A 28 -6.10 19.75 5.91
N GLY A 29 -7.28 20.09 5.41
CA GLY A 29 -7.41 21.20 4.47
C GLY A 29 -7.09 22.56 5.08
N ASP A 30 -7.06 22.64 6.41
CA ASP A 30 -6.76 23.89 7.09
C ASP A 30 -5.28 24.08 7.39
N ARG A 31 -4.47 23.08 7.07
CA ARG A 31 -3.02 23.15 7.29
C ARG A 31 -2.31 22.39 6.17
N ARG A 32 -2.83 22.54 4.95
CA ARG A 32 -2.31 21.86 3.78
C ARG A 32 -0.79 21.96 3.60
N GLY A 33 -0.22 23.12 3.95
CA GLY A 33 1.21 23.30 3.80
C GLY A 33 2.10 22.65 4.85
N ASN A 34 1.51 22.04 5.86
CA ASN A 34 2.32 21.41 6.91
C ASN A 34 2.63 19.93 6.71
N PHE A 35 2.09 19.32 5.66
CA PHE A 35 2.38 17.91 5.45
C PHE A 35 2.43 17.53 3.97
N TYR A 36 3.11 16.41 3.69
CA TYR A 36 3.18 15.89 2.34
C TYR A 36 2.18 14.74 2.39
N LEU A 37 1.40 14.59 1.34
CA LEU A 37 0.42 13.52 1.32
C LEU A 37 0.67 12.58 0.17
N ALA A 38 0.62 11.28 0.46
CA ALA A 38 0.81 10.27 -0.57
C ALA A 38 -0.21 9.16 -0.38
N TYR A 39 -0.86 8.79 -1.48
CA TYR A 39 -1.82 7.70 -1.45
C TYR A 39 -1.06 6.47 -1.92
N ALA A 40 -0.98 5.45 -1.08
CA ALA A 40 -0.29 4.20 -1.41
C ALA A 40 -1.42 3.20 -1.59
N THR A 41 -1.83 3.01 -2.84
CA THR A 41 -2.95 2.15 -3.14
C THR A 41 -2.61 0.96 -4.04
N GLY A 42 -3.48 -0.05 -4.01
CA GLY A 42 -3.28 -1.22 -4.83
C GLY A 42 -3.81 -0.93 -6.23
N ARG A 43 -4.59 0.14 -6.33
CA ARG A 43 -5.16 0.54 -7.61
C ARG A 43 -4.12 1.12 -8.56
N SER A 44 -4.41 1.01 -9.85
CA SER A 44 -3.53 1.58 -10.86
C SER A 44 -3.76 3.09 -10.73
N TYR A 45 -2.91 3.88 -11.38
CA TYR A 45 -3.04 5.34 -11.32
C TYR A 45 -4.40 5.80 -11.86
N HIS A 46 -4.79 5.27 -13.02
CA HIS A 46 -6.06 5.64 -13.65
C HIS A 46 -7.22 5.33 -12.70
N SER A 47 -7.19 4.14 -12.11
CA SER A 47 -8.25 3.74 -11.18
C SER A 47 -8.25 4.64 -9.95
N ALA A 48 -7.06 5.01 -9.48
CA ALA A 48 -6.95 5.88 -8.31
C ALA A 48 -7.61 7.22 -8.63
N ARG A 49 -7.33 7.74 -9.84
CA ARG A 49 -7.88 9.01 -10.30
C ARG A 49 -9.41 8.95 -10.42
N GLU A 50 -9.93 7.82 -10.88
CA GLU A 50 -11.37 7.70 -11.01
C GLU A 50 -12.01 7.72 -9.62
N LEU A 51 -11.36 7.06 -8.66
CA LEU A 51 -11.86 7.03 -7.30
C LEU A 51 -11.89 8.44 -6.71
N GLN A 52 -10.85 9.22 -7.01
CA GLN A 52 -10.75 10.60 -6.52
C GLN A 52 -11.97 11.42 -6.95
N LYS A 53 -12.42 11.19 -8.18
CA LYS A 53 -13.58 11.91 -8.70
C LYS A 53 -14.86 11.40 -8.06
N GLN A 54 -14.90 10.12 -7.76
CA GLN A 54 -16.08 9.50 -7.15
C GLN A 54 -16.34 9.97 -5.73
N VAL A 55 -15.32 9.98 -4.88
CA VAL A 55 -15.50 10.39 -3.49
C VAL A 55 -14.90 11.75 -3.13
N GLY A 56 -14.31 12.42 -4.12
CA GLY A 56 -13.73 13.73 -3.88
C GLY A 56 -12.45 13.73 -3.06
N LEU A 57 -11.52 12.84 -3.38
CA LEU A 57 -10.24 12.77 -2.66
C LEU A 57 -9.43 14.04 -2.84
N MET A 58 -8.86 14.55 -1.75
CA MET A 58 -8.05 15.75 -1.87
C MET A 58 -6.79 15.38 -2.64
N GLU A 59 -6.28 16.35 -3.39
CA GLU A 59 -5.08 16.17 -4.21
C GLU A 59 -3.85 15.86 -3.37
N PRO A 60 -3.20 14.72 -3.64
CA PRO A 60 -2.01 14.36 -2.87
C PRO A 60 -0.77 14.94 -3.54
N ASP A 61 0.37 14.84 -2.87
CA ASP A 61 1.61 15.34 -3.45
C ASP A 61 2.19 14.22 -4.31
N TYR A 62 1.95 12.97 -3.89
CA TYR A 62 2.46 11.81 -4.61
C TYR A 62 1.46 10.67 -4.64
N TRP A 63 1.57 9.84 -5.67
CA TRP A 63 0.71 8.68 -5.81
C TRP A 63 1.62 7.46 -5.87
N LEU A 64 1.47 6.55 -4.91
CA LEU A 64 2.26 5.33 -4.90
C LEU A 64 1.21 4.30 -5.29
N THR A 65 1.10 4.05 -6.59
CA THR A 65 0.08 3.14 -7.11
C THR A 65 0.49 1.71 -7.37
N ALA A 66 -0.51 0.87 -7.61
CA ALA A 66 -0.32 -0.54 -7.88
C ALA A 66 0.61 -1.17 -6.87
N VAL A 67 0.34 -0.91 -5.59
CA VAL A 67 1.13 -1.45 -4.49
C VAL A 67 2.57 -0.96 -4.52
N GLY A 68 2.77 0.26 -5.00
CA GLY A 68 4.11 0.82 -5.06
C GLY A 68 4.93 0.46 -6.28
N SER A 69 4.30 -0.14 -7.29
CA SER A 69 5.03 -0.51 -8.50
C SER A 69 5.24 0.69 -9.41
N GLU A 70 4.43 1.72 -9.23
CA GLU A 70 4.56 2.94 -10.01
C GLU A 70 4.39 4.14 -9.10
N ILE A 71 5.30 5.09 -9.21
CA ILE A 71 5.23 6.30 -8.40
C ILE A 71 4.99 7.50 -9.31
N TYR A 72 4.04 8.34 -8.94
CA TYR A 72 3.73 9.52 -9.73
C TYR A 72 3.99 10.79 -8.94
N HIS A 73 4.82 11.65 -9.51
CA HIS A 73 5.13 12.93 -8.88
C HIS A 73 4.20 13.94 -9.51
N PRO A 74 4.11 15.15 -8.95
CA PRO A 74 3.22 16.15 -9.56
C PRO A 74 3.59 16.31 -11.03
N GLU A 75 4.88 16.16 -11.33
CA GLU A 75 5.40 16.30 -12.68
C GLU A 75 5.24 15.04 -13.56
N GLY A 76 4.87 13.91 -12.96
CA GLY A 76 4.70 12.70 -13.74
C GLY A 76 5.32 11.43 -13.17
N LEU A 77 5.25 10.36 -13.96
CA LEU A 77 5.78 9.05 -13.58
C LEU A 77 7.28 9.09 -13.29
N ASP A 78 7.68 8.46 -12.19
CA ASP A 78 9.08 8.43 -11.80
C ASP A 78 9.79 7.33 -12.57
N GLN A 79 10.58 7.74 -13.56
CA GLN A 79 11.31 6.80 -14.40
C GLN A 79 12.48 6.14 -13.68
N HIS A 80 13.04 6.82 -12.68
CA HIS A 80 14.15 6.24 -11.93
C HIS A 80 13.64 5.04 -11.14
N TRP A 81 12.46 5.19 -10.54
CA TRP A 81 11.86 4.12 -9.76
C TRP A 81 11.54 2.95 -10.69
N ALA A 82 11.01 3.26 -11.87
CA ALA A 82 10.68 2.22 -12.84
C ALA A 82 11.93 1.43 -13.22
N ASP A 83 13.01 2.13 -13.57
CA ASP A 83 14.25 1.46 -13.95
C ASP A 83 14.80 0.63 -12.79
N TYR A 84 14.68 1.18 -11.59
CA TYR A 84 15.15 0.51 -10.38
C TYR A 84 14.41 -0.82 -10.16
N LEU A 85 13.10 -0.83 -10.39
CA LEU A 85 12.32 -2.06 -10.20
C LEU A 85 12.53 -3.06 -11.33
N SER A 86 12.91 -2.57 -12.51
CA SER A 86 13.12 -3.43 -13.68
C SER A 86 14.40 -4.29 -13.57
N GLU A 87 15.34 -3.85 -12.76
CA GLU A 87 16.61 -4.55 -12.58
C GLU A 87 16.43 -5.97 -12.00
N HIS A 88 16.83 -6.97 -12.77
CA HIS A 88 16.74 -8.37 -12.34
C HIS A 88 15.32 -8.95 -12.36
N TRP A 89 14.33 -8.10 -12.60
CA TRP A 89 12.94 -8.54 -12.64
C TRP A 89 12.66 -9.31 -13.94
N GLN A 90 12.06 -10.49 -13.80
CA GLN A 90 11.74 -11.34 -14.95
C GLN A 90 10.24 -11.67 -14.91
N ARG A 91 9.41 -10.74 -15.34
CA ARG A 91 7.97 -10.93 -15.32
C ARG A 91 7.45 -12.20 -15.99
N ASP A 92 7.89 -12.44 -17.22
CA ASP A 92 7.44 -13.62 -17.98
C ASP A 92 7.61 -14.96 -17.26
N ILE A 93 8.78 -15.18 -16.67
CA ILE A 93 9.04 -16.43 -15.97
C ILE A 93 8.13 -16.60 -14.77
N LEU A 94 7.97 -15.54 -13.98
CA LEU A 94 7.13 -15.61 -12.79
C LEU A 94 5.67 -15.83 -13.17
N GLN A 95 5.22 -15.21 -14.25
CA GLN A 95 3.83 -15.38 -14.70
C GLN A 95 3.59 -16.80 -15.16
N ALA A 96 4.57 -17.38 -15.85
CA ALA A 96 4.44 -18.75 -16.34
C ALA A 96 4.21 -19.68 -15.15
N ILE A 97 4.95 -19.45 -14.07
CA ILE A 97 4.83 -20.28 -12.88
C ILE A 97 3.47 -20.06 -12.22
N ALA A 98 3.13 -18.81 -11.96
CA ALA A 98 1.84 -18.51 -11.33
C ALA A 98 0.66 -18.99 -12.17
N ASP A 99 0.74 -18.84 -13.48
CA ASP A 99 -0.34 -19.27 -14.37
C ASP A 99 -0.59 -20.78 -14.26
N GLY A 100 0.43 -21.51 -13.81
CA GLY A 100 0.31 -22.96 -13.68
C GLY A 100 -0.48 -23.42 -12.48
N PHE A 101 -0.79 -22.52 -11.55
CA PHE A 101 -1.57 -22.88 -10.37
C PHE A 101 -3.06 -22.85 -10.64
N GLU A 102 -3.68 -24.02 -10.58
CA GLU A 102 -5.11 -24.18 -10.81
C GLU A 102 -5.97 -23.29 -9.92
N ALA A 103 -5.54 -23.06 -8.68
CA ALA A 103 -6.28 -22.24 -7.74
C ALA A 103 -6.22 -20.75 -8.03
N LEU A 104 -5.37 -20.35 -8.96
CA LEU A 104 -5.23 -18.94 -9.30
C LEU A 104 -5.83 -18.61 -10.65
N LYS A 105 -6.51 -17.47 -10.72
CA LYS A 105 -7.11 -16.98 -11.95
C LYS A 105 -6.53 -15.60 -12.14
N PRO A 106 -6.10 -15.27 -13.36
CA PRO A 106 -5.53 -13.95 -13.59
C PRO A 106 -6.55 -12.85 -13.33
N GLN A 107 -6.08 -11.71 -12.85
CA GLN A 107 -6.95 -10.57 -12.61
C GLN A 107 -7.01 -9.89 -13.97
N SER A 108 -8.01 -9.03 -14.18
CA SER A 108 -8.15 -8.34 -15.44
C SER A 108 -6.86 -7.66 -15.88
N PRO A 109 -6.62 -7.60 -17.20
CA PRO A 109 -5.41 -6.97 -17.74
C PRO A 109 -5.10 -5.60 -17.18
N LEU A 110 -6.14 -4.77 -17.00
CA LEU A 110 -5.93 -3.42 -16.49
C LEU A 110 -5.38 -3.38 -15.06
N GLU A 111 -5.36 -4.52 -14.39
CA GLU A 111 -4.82 -4.61 -13.03
C GLU A 111 -3.34 -4.95 -13.10
N GLN A 112 -2.87 -5.31 -14.29
CA GLN A 112 -1.48 -5.69 -14.47
C GLN A 112 -0.64 -4.52 -14.99
N ASN A 113 0.67 -4.61 -14.74
CA ASN A 113 1.62 -3.63 -15.24
C ASN A 113 2.97 -4.37 -15.28
N PRO A 114 3.98 -3.78 -15.93
CA PRO A 114 5.29 -4.42 -16.02
C PRO A 114 5.89 -5.00 -14.74
N TRP A 115 5.59 -4.37 -13.61
CA TRP A 115 6.13 -4.81 -12.33
C TRP A 115 5.06 -5.38 -11.39
N LYS A 116 3.93 -5.78 -11.95
CA LYS A 116 2.85 -6.31 -11.14
C LYS A 116 2.07 -7.40 -11.86
N ILE A 117 2.02 -8.59 -11.25
CA ILE A 117 1.33 -9.73 -11.80
C ILE A 117 0.31 -10.10 -10.73
N SER A 118 -0.98 -9.95 -11.03
CA SER A 118 -2.00 -10.23 -10.03
C SER A 118 -2.99 -11.31 -10.39
N TYR A 119 -3.42 -12.04 -9.36
CA TYR A 119 -4.37 -13.13 -9.51
C TYR A 119 -5.41 -13.10 -8.42
N HIS A 120 -6.45 -13.91 -8.60
CA HIS A 120 -7.53 -14.06 -7.62
C HIS A 120 -7.43 -15.50 -7.16
N LEU A 121 -7.41 -15.71 -5.84
CA LEU A 121 -7.34 -17.05 -5.28
C LEU A 121 -8.73 -17.63 -5.19
N ASP A 122 -8.91 -18.85 -5.69
CA ASP A 122 -10.20 -19.53 -5.64
C ASP A 122 -10.69 -19.54 -4.19
N PRO A 123 -11.90 -19.01 -3.95
CA PRO A 123 -12.44 -19.00 -2.58
C PRO A 123 -12.66 -20.39 -2.01
N GLN A 124 -12.67 -21.39 -2.89
CA GLN A 124 -12.87 -22.78 -2.47
C GLN A 124 -11.54 -23.48 -2.24
N ALA A 125 -10.45 -22.85 -2.67
CA ALA A 125 -9.13 -23.43 -2.52
C ALA A 125 -8.55 -23.20 -1.14
N CYS A 126 -7.54 -23.99 -0.80
CA CYS A 126 -6.86 -23.90 0.48
C CYS A 126 -5.81 -22.79 0.41
N PRO A 127 -5.92 -21.76 1.27
CA PRO A 127 -4.98 -20.65 1.30
C PRO A 127 -3.51 -21.06 1.41
N THR A 128 -3.28 -22.30 1.82
CA THR A 128 -1.92 -22.80 1.98
C THR A 128 -1.19 -22.83 0.63
N VAL A 129 -1.94 -22.80 -0.46
CA VAL A 129 -1.34 -22.82 -1.79
C VAL A 129 -0.47 -21.59 -2.03
N ILE A 130 -0.77 -20.49 -1.34
CA ILE A 130 0.01 -19.27 -1.51
C ILE A 130 1.44 -19.51 -0.99
N ASP A 131 1.58 -20.36 0.02
CA ASP A 131 2.90 -20.65 0.57
C ASP A 131 3.69 -21.46 -0.46
N GLN A 132 3.02 -22.41 -1.11
CA GLN A 132 3.68 -23.23 -2.11
C GLN A 132 4.11 -22.35 -3.28
N LEU A 133 3.22 -21.44 -3.69
CA LEU A 133 3.52 -20.52 -4.78
C LEU A 133 4.73 -19.66 -4.44
N THR A 134 4.72 -19.08 -3.24
CA THR A 134 5.80 -18.23 -2.77
C THR A 134 7.13 -18.97 -2.81
N GLU A 135 7.16 -20.19 -2.28
CA GLU A 135 8.38 -20.98 -2.28
C GLU A 135 8.86 -21.25 -3.70
N MET A 136 7.94 -21.65 -4.56
CA MET A 136 8.26 -21.96 -5.95
C MET A 136 8.81 -20.73 -6.67
N LEU A 137 8.20 -19.57 -6.44
CA LEU A 137 8.65 -18.34 -7.08
C LEU A 137 10.01 -17.89 -6.55
N LYS A 138 10.18 -17.94 -5.24
CA LYS A 138 11.43 -17.54 -4.62
C LYS A 138 12.62 -18.37 -5.10
N GLU A 139 12.40 -19.68 -5.25
CA GLU A 139 13.46 -20.57 -5.69
C GLU A 139 13.94 -20.34 -7.11
N THR A 140 13.30 -19.42 -7.83
CA THR A 140 13.71 -19.13 -9.18
C THR A 140 14.94 -18.23 -9.12
N GLY A 141 15.17 -17.65 -7.95
CA GLY A 141 16.30 -16.75 -7.78
C GLY A 141 15.95 -15.35 -8.22
N ILE A 142 14.76 -15.19 -8.80
CA ILE A 142 14.32 -13.87 -9.24
C ILE A 142 13.84 -13.11 -8.01
N PRO A 143 14.34 -11.88 -7.80
CA PRO A 143 13.91 -11.12 -6.63
C PRO A 143 12.42 -10.79 -6.70
N VAL A 144 11.61 -11.62 -6.04
CA VAL A 144 10.17 -11.44 -6.07
C VAL A 144 9.56 -11.57 -4.68
N GLN A 145 8.38 -10.99 -4.52
CA GLN A 145 7.66 -11.08 -3.25
C GLN A 145 6.20 -11.29 -3.59
N VAL A 146 5.49 -11.97 -2.70
CA VAL A 146 4.09 -12.27 -2.89
C VAL A 146 3.24 -11.51 -1.87
N ILE A 147 2.29 -10.72 -2.35
CA ILE A 147 1.40 -9.97 -1.47
C ILE A 147 0.02 -10.63 -1.51
N PHE A 148 -0.45 -11.06 -0.34
CA PHE A 148 -1.74 -11.73 -0.23
C PHE A 148 -2.64 -10.89 0.65
N SER A 149 -3.82 -10.51 0.16
CA SER A 149 -4.71 -9.68 0.96
C SER A 149 -6.20 -9.96 0.78
N SER A 150 -6.97 -9.69 1.83
CA SER A 150 -8.41 -9.89 1.82
C SER A 150 -8.78 -11.35 1.56
N GLY A 151 -7.80 -12.23 1.77
CA GLY A 151 -8.03 -13.65 1.58
C GLY A 151 -8.27 -14.07 0.14
N LYS A 152 -8.04 -13.18 -0.82
CA LYS A 152 -8.27 -13.55 -2.21
C LYS A 152 -7.37 -12.90 -3.27
N ASP A 153 -6.78 -11.74 -2.95
CA ASP A 153 -5.93 -11.05 -3.92
C ASP A 153 -4.45 -11.40 -3.81
N VAL A 154 -3.85 -11.76 -4.94
CA VAL A 154 -2.44 -12.13 -4.97
C VAL A 154 -1.67 -11.25 -5.95
N ASP A 155 -0.64 -10.59 -5.47
CA ASP A 155 0.18 -9.73 -6.32
C ASP A 155 1.62 -10.21 -6.31
N LEU A 156 2.22 -10.28 -7.49
CA LEU A 156 3.62 -10.68 -7.62
C LEU A 156 4.38 -9.41 -7.96
N LEU A 157 5.31 -9.03 -7.09
CA LEU A 157 6.09 -7.81 -7.27
C LEU A 157 7.58 -7.97 -7.07
N PRO A 158 8.38 -7.05 -7.62
CA PRO A 158 9.83 -7.14 -7.44
C PRO A 158 10.06 -6.99 -5.94
N GLN A 159 11.10 -7.64 -5.41
CA GLN A 159 11.38 -7.54 -4.00
C GLN A 159 11.56 -6.08 -3.57
N ARG A 160 11.91 -5.18 -4.59
CA ARG A 160 12.26 -3.78 -4.33
C ARG A 160 10.97 -2.86 -4.23
N SER A 161 9.77 -3.40 -4.61
CA SER A 161 8.43 -2.68 -4.46
C SER A 161 7.82 -3.04 -3.04
N ASN A 162 6.55 -2.37 -2.66
CA ASN A 162 5.77 -2.48 -1.40
C ASN A 162 5.25 -1.14 -1.17
N LYS A 163 4.50 -1.04 -0.56
CA LYS A 163 4.09 0.23 -0.24
C LYS A 163 5.13 0.79 0.76
N GLY A 164 5.79 -0.30 1.38
CA GLY A 164 6.80 0.11 2.33
C GLY A 164 8.07 0.63 1.63
N ASN A 165 8.59 -0.15 0.70
CA ASN A 165 9.79 0.26 -0.03
C ASN A 165 9.56 1.55 -0.82
N ALA A 166 8.37 1.71 -1.39
CA ALA A 166 8.05 2.92 -2.13
C ALA A 166 8.06 4.09 -1.15
N THR A 167 7.60 3.82 0.07
CA THR A 167 7.55 4.84 1.11
C THR A 167 8.93 5.26 1.58
N GLN A 168 9.84 4.31 1.78
CA GLN A 168 11.19 4.65 2.22
C GLN A 168 11.90 5.47 1.14
N TYR A 169 11.62 5.15 -0.12
CA TYR A 169 12.20 5.85 -1.26
C TYR A 169 11.71 7.30 -1.24
N LEU A 170 10.42 7.49 -1.01
CA LEU A 170 9.82 8.82 -0.96
C LEU A 170 10.38 9.61 0.22
N GLN A 171 10.55 8.96 1.36
CA GLN A 171 11.09 9.61 2.56
C GLN A 171 12.47 10.16 2.26
N GLN A 172 13.32 9.35 1.63
CA GLN A 172 14.66 9.79 1.30
C GLN A 172 14.57 10.94 0.29
N HIS A 173 13.67 10.79 -0.67
CA HIS A 173 13.47 11.82 -1.70
C HIS A 173 13.07 13.16 -1.11
N LEU A 174 12.24 13.14 -0.06
CA LEU A 174 11.77 14.36 0.59
C LEU A 174 12.58 14.74 1.83
N ALA A 175 13.56 13.92 2.17
CA ALA A 175 14.38 14.17 3.35
C ALA A 175 13.49 14.21 4.59
N MET A 176 12.55 13.27 4.67
CA MET A 176 11.64 13.19 5.80
C MET A 176 12.04 11.99 6.66
N GLU A 177 12.02 12.17 7.98
CA GLU A 177 12.39 11.09 8.90
C GLU A 177 11.24 10.16 9.21
N PRO A 178 11.55 8.90 9.59
CA PRO A 178 10.51 7.92 9.93
C PRO A 178 9.65 8.49 11.07
N SER A 179 10.30 9.18 12.01
CA SER A 179 9.60 9.77 13.15
C SER A 179 8.58 10.82 12.69
N GLN A 180 8.75 11.30 11.45
CA GLN A 180 7.85 12.31 10.89
C GLN A 180 6.87 11.69 9.92
N THR A 181 6.89 10.36 9.82
CA THR A 181 6.02 9.67 8.89
C THR A 181 4.91 8.86 9.56
N LEU A 182 3.73 8.88 8.95
CA LEU A 182 2.60 8.12 9.44
C LEU A 182 2.01 7.31 8.28
N VAL A 183 2.04 5.99 8.40
CA VAL A 183 1.49 5.13 7.38
C VAL A 183 0.15 4.60 7.88
N CYS A 184 -0.83 4.53 6.99
CA CYS A 184 -2.17 4.08 7.35
C CYS A 184 -2.60 2.96 6.41
N GLY A 185 -3.08 1.85 6.98
CA GLY A 185 -3.49 0.73 6.14
C GLY A 185 -4.59 -0.14 6.73
N ASP A 186 -5.06 -1.11 5.94
CA ASP A 186 -6.14 -1.99 6.37
C ASP A 186 -5.98 -3.45 5.95
N SER A 187 -4.97 -3.78 5.15
CA SER A 187 -4.85 -5.16 4.70
C SER A 187 -3.45 -5.68 4.40
N GLY A 188 -3.42 -6.90 3.89
CA GLY A 188 -2.17 -7.55 3.55
C GLY A 188 -1.26 -6.75 2.63
N ASN A 189 -1.82 -5.97 1.72
CA ASN A 189 -0.96 -5.20 0.83
C ASN A 189 -0.46 -3.92 1.49
N ASP A 190 -0.69 -3.80 2.80
CA ASP A 190 -0.22 -2.63 3.56
C ASP A 190 0.86 -3.08 4.56
N ILE A 191 1.09 -4.38 4.67
CA ILE A 191 2.09 -4.88 5.60
C ILE A 191 3.46 -4.27 5.36
N GLY A 192 3.83 -4.07 4.10
CA GLY A 192 5.12 -3.46 3.81
C GLY A 192 5.24 -2.09 4.47
N LEU A 193 4.12 -1.38 4.59
CA LEU A 193 4.12 -0.06 5.22
C LEU A 193 4.51 -0.17 6.69
N PHE A 194 3.91 -1.13 7.38
CA PHE A 194 4.18 -1.34 8.80
C PHE A 194 5.54 -1.96 9.05
N GLU A 195 6.17 -2.48 8.00
CA GLU A 195 7.49 -3.07 8.14
C GLU A 195 8.51 -1.93 8.19
N THR A 196 8.12 -0.73 7.76
CA THR A 196 9.03 0.42 7.80
C THR A 196 9.08 0.92 9.24
N SER A 197 10.03 1.80 9.52
CA SER A 197 10.17 2.34 10.87
C SER A 197 9.30 3.57 11.09
N ALA A 198 8.37 3.82 10.18
CA ALA A 198 7.48 4.96 10.31
C ALA A 198 6.39 4.65 11.33
N ARG A 199 5.74 5.69 11.84
CA ARG A 199 4.65 5.50 12.78
C ARG A 199 3.52 4.94 11.93
N GLY A 200 2.69 4.08 12.50
CA GLY A 200 1.62 3.51 11.70
C GLY A 200 0.31 3.31 12.43
N VAL A 201 -0.76 3.30 11.67
CA VAL A 201 -2.09 3.09 12.22
C VAL A 201 -2.83 2.05 11.42
N ILE A 202 -3.36 1.07 12.14
CA ILE A 202 -4.14 -0.01 11.56
C ILE A 202 -5.59 0.35 11.86
N VAL A 203 -6.37 0.56 10.82
CA VAL A 203 -7.78 0.91 10.99
C VAL A 203 -8.57 -0.19 11.69
N ARG A 204 -9.61 0.21 12.41
CA ARG A 204 -10.45 -0.74 13.15
C ARG A 204 -11.01 -1.83 12.25
N ASN A 205 -11.42 -1.47 11.03
CA ASN A 205 -12.00 -2.40 10.07
C ASN A 205 -10.94 -3.16 9.26
N ALA A 206 -9.75 -3.33 9.82
CA ALA A 206 -8.67 -4.02 9.11
C ALA A 206 -8.99 -5.48 8.80
N GLN A 207 -8.39 -5.99 7.71
CA GLN A 207 -8.59 -7.38 7.30
C GLN A 207 -7.85 -8.32 8.24
N PRO A 208 -8.25 -9.59 8.29
CA PRO A 208 -7.63 -10.60 9.15
C PRO A 208 -6.11 -10.72 9.06
N GLU A 209 -5.56 -10.76 7.85
CA GLU A 209 -4.12 -10.89 7.68
C GLU A 209 -3.35 -9.74 8.33
N LEU A 210 -3.89 -8.54 8.27
CA LEU A 210 -3.19 -7.41 8.86
C LEU A 210 -3.22 -7.49 10.38
N LEU A 211 -4.37 -7.84 10.95
CA LEU A 211 -4.46 -7.95 12.40
C LEU A 211 -3.53 -9.05 12.90
N HIS A 212 -3.50 -10.17 12.18
CA HIS A 212 -2.65 -11.29 12.54
C HIS A 212 -1.19 -10.85 12.46
N TRP A 213 -0.89 -10.00 11.48
CA TRP A 213 0.48 -9.50 11.33
C TRP A 213 0.82 -8.69 12.57
N TYR A 214 -0.09 -7.81 12.95
CA TYR A 214 0.10 -6.96 14.10
C TYR A 214 0.35 -7.76 15.38
N ASP A 215 -0.39 -8.85 15.57
CA ASP A 215 -0.21 -9.68 16.76
C ASP A 215 1.20 -10.25 16.88
N GLN A 216 1.80 -10.57 15.74
CA GLN A 216 3.14 -11.14 15.74
C GLN A 216 4.28 -10.13 15.66
N TRP A 217 4.14 -9.10 14.83
CA TRP A 217 5.20 -8.11 14.66
C TRP A 217 4.89 -6.71 15.18
N GLY A 218 3.67 -6.48 15.65
CA GLY A 218 3.30 -5.16 16.15
C GLY A 218 4.29 -4.66 17.19
N ASP A 219 4.64 -3.38 17.10
CA ASP A 219 5.58 -2.80 18.04
C ASP A 219 5.11 -1.43 18.55
N SER A 220 5.98 -0.75 19.29
CA SER A 220 5.68 0.56 19.88
C SER A 220 5.16 1.60 18.88
N ARG A 221 5.73 1.59 17.68
CA ARG A 221 5.35 2.55 16.65
C ARG A 221 4.04 2.26 15.94
N HIS A 222 3.43 1.10 16.23
CA HIS A 222 2.18 0.71 15.59
C HIS A 222 0.96 0.95 16.47
N TYR A 223 -0.01 1.67 15.94
CA TYR A 223 -1.22 2.00 16.69
C TYR A 223 -2.47 1.31 16.16
N ARG A 224 -3.14 0.58 17.04
CA ARG A 224 -4.37 -0.13 16.69
C ARG A 224 -5.52 0.84 16.99
N ALA A 225 -6.04 1.47 15.95
CA ALA A 225 -7.11 2.46 16.13
C ALA A 225 -8.46 1.88 16.53
N GLN A 226 -9.24 2.69 17.24
CA GLN A 226 -10.58 2.30 17.67
C GLN A 226 -11.56 2.71 16.57
N SER A 227 -11.22 3.78 15.86
CA SER A 227 -12.07 4.28 14.78
C SER A 227 -11.81 3.49 13.51
N SER A 228 -12.78 3.49 12.61
CA SER A 228 -12.63 2.78 11.35
C SER A 228 -12.42 3.80 10.24
N HIS A 229 -11.93 3.34 9.10
CA HIS A 229 -11.69 4.19 7.95
C HIS A 229 -10.92 5.48 8.24
N ALA A 230 -11.30 6.57 7.58
CA ALA A 230 -10.61 7.86 7.74
C ALA A 230 -10.56 8.34 9.20
N GLY A 231 -11.54 7.94 10.00
CA GLY A 231 -11.53 8.34 11.39
C GLY A 231 -10.28 7.85 12.09
N ALA A 232 -9.77 6.70 11.65
CA ALA A 232 -8.57 6.11 12.24
C ALA A 232 -7.37 6.99 11.99
N ILE A 233 -7.36 7.69 10.87
CA ILE A 233 -6.25 8.56 10.53
C ILE A 233 -6.22 9.80 11.42
N LEU A 234 -7.39 10.36 11.71
CA LEU A 234 -7.46 11.53 12.58
C LEU A 234 -7.02 11.10 13.97
N GLU A 235 -7.49 9.93 14.39
CA GLU A 235 -7.17 9.37 15.68
C GLU A 235 -5.67 9.21 15.85
N ALA A 236 -5.03 8.64 14.83
CA ALA A 236 -3.60 8.41 14.85
C ALA A 236 -2.82 9.73 14.91
N ILE A 237 -3.26 10.72 14.15
CA ILE A 237 -2.60 12.01 14.14
C ILE A 237 -2.56 12.60 15.55
N ALA A 238 -3.65 12.46 16.29
CA ALA A 238 -3.72 12.95 17.66
C ALA A 238 -2.88 12.08 18.58
N HIS A 239 -2.96 10.76 18.39
CA HIS A 239 -2.20 9.82 19.20
C HIS A 239 -0.69 10.07 19.14
N PHE A 240 -0.15 10.19 17.93
CA PHE A 240 1.28 10.43 17.75
C PHE A 240 1.59 11.91 17.87
N ASP A 241 0.56 12.69 18.18
CA ASP A 241 0.69 14.13 18.34
C ASP A 241 1.37 14.83 17.16
N PHE A 242 0.93 14.50 15.95
CA PHE A 242 1.48 15.13 14.74
C PHE A 242 0.73 16.43 14.51
N LEU A 243 1.28 17.31 13.68
CA LEU A 243 0.63 18.57 13.38
C LEU A 243 0.26 19.30 14.67
N SER A 244 1.21 19.35 15.59
CA SER A 244 1.03 20.01 16.89
C SER A 244 0.51 21.43 16.73
C1 GLC B . -6.75 -3.46 -5.59
C2 GLC B . -6.19 -3.73 -7.00
C3 GLC B . -5.90 -5.25 -7.19
C4 GLC B . -4.90 -5.67 -6.10
C5 GLC B . -5.49 -5.37 -4.70
C6 GLC B . -4.52 -5.74 -3.57
O2 GLC B . -7.13 -3.27 -8.00
O3 GLC B . -5.35 -5.51 -8.49
O4 GLC B . -4.61 -7.06 -6.24
O5 GLC B . -5.81 -3.96 -4.56
O6 GLC B . -3.22 -5.19 -3.86
C1 FRU B . -9.77 -2.43 -6.24
C2 FRU B . -9.24 -3.41 -5.16
C3 FRU B . -10.27 -4.49 -4.74
C4 FRU B . -9.88 -4.75 -3.30
C5 FRU B . -9.73 -3.31 -2.85
C6 FRU B . -8.95 -3.15 -1.56
O1 FRU B . -9.98 -3.13 -7.48
O2 FRU B . -8.04 -4.14 -5.52
O3 FRU B . -10.14 -5.68 -5.52
O4 FRU B . -10.88 -5.44 -2.54
O5 FRU B . -9.04 -2.64 -3.94
O6 FRU B . -8.13 -2.00 -1.63
P PO4 C . -5.38 -1.07 -1.83
O1 PO4 C . -5.80 -0.74 -3.22
O2 PO4 C . -6.25 -0.36 -0.88
O3 PO4 C . -5.50 -2.54 -1.61
O4 PO4 C . -3.97 -0.65 -1.63
MG MG D . -5.15 -2.30 1.61
MG MG E . -7.48 -1.47 1.11
#